data_5WUT
#
_entry.id   5WUT
#
_cell.length_a   64.630
_cell.length_b   80.880
_cell.length_c   109.490
_cell.angle_alpha   90.00
_cell.angle_beta   90.00
_cell.angle_gamma   90.00
#
_symmetry.space_group_name_H-M   'P 21 21 21'
#
loop_
_entity.id
_entity.type
_entity.pdbx_description
1 polymer ULam111
2 water water
#
_entity_poly.entity_id   1
_entity_poly.type   'polypeptide(L)'
_entity_poly.pdbx_seq_one_letter_code
;MTKGKKLVWEEHFNGKELDTKNWNFELGDGCPNCGWGNSERQLYTKTNHKMENGKLVITAKKEGTQYTSTRITTQGKKEF
QYGYIEARAKLPVGKGIWPAFWMLGSNIKTVGWPQCGEIDILEYVGKEPHMVFTSLHTTASHGNTINTKRTRIDTIEQGF
HLYAIDWTKDKMDFFVDNILVYTFNPTDKTEAIWPYDQPFYFIINMAIGGNFGGPEVDDAIFPQDFSIDYIKVYQ
;
_entity_poly.pdbx_strand_id   A,B
#
# COMPACT_ATOMS: atom_id res chain seq x y z
N LYS A 6 -11.99 18.39 8.98
CA LYS A 6 -11.19 19.60 8.90
C LYS A 6 -9.80 19.36 9.48
N LEU A 7 -8.82 20.13 9.00
CA LEU A 7 -7.48 20.11 9.59
C LEU A 7 -7.53 20.86 10.90
N VAL A 8 -7.27 20.16 12.01
CA VAL A 8 -7.38 20.79 13.32
C VAL A 8 -6.04 21.24 13.90
N TRP A 9 -4.95 20.62 13.46
CA TRP A 9 -3.60 21.00 13.89
C TRP A 9 -2.57 20.46 12.91
N GLU A 10 -1.53 21.24 12.65
CA GLU A 10 -0.41 20.76 11.86
C GLU A 10 0.89 21.28 12.46
N GLU A 11 1.86 20.38 12.53
CA GLU A 11 3.25 20.75 12.76
C GLU A 11 3.98 20.73 11.41
N HIS A 12 4.34 21.92 10.91
CA HIS A 12 5.00 22.08 9.62
C HIS A 12 6.52 21.96 9.73
N PHE A 13 7.03 22.03 10.96
CA PHE A 13 8.47 22.08 11.24
C PHE A 13 9.18 23.18 10.43
N ASN A 14 8.52 24.33 10.32
CA ASN A 14 9.03 25.44 9.52
C ASN A 14 9.78 26.48 10.33
N GLY A 15 9.75 26.35 11.66
CA GLY A 15 10.43 27.31 12.51
C GLY A 15 11.95 27.22 12.45
N LYS A 16 12.66 28.16 13.10
CA LYS A 16 14.10 28.02 13.20
C LYS A 16 14.48 27.03 14.29
N GLU A 17 13.56 26.80 15.22
CA GLU A 17 13.80 25.81 16.26
C GLU A 17 12.52 25.07 16.56
N LEU A 18 12.66 23.93 17.23
CA LEU A 18 11.50 23.17 17.67
C LEU A 18 10.67 24.01 18.62
N ASP A 19 9.35 24.02 18.42
CA ASP A 19 8.47 24.80 19.28
C ASP A 19 8.22 24.08 20.60
N THR A 20 8.85 24.53 21.68
CA THR A 20 8.73 23.83 22.97
C THR A 20 7.41 24.12 23.70
N LYS A 21 6.57 24.95 23.10
CA LYS A 21 5.21 25.10 23.61
C LYS A 21 4.39 23.88 23.19
N ASN A 22 4.83 23.21 22.14
CA ASN A 22 4.14 22.01 21.67
C ASN A 22 4.93 20.72 21.89
N TRP A 23 6.26 20.83 22.07
CA TRP A 23 7.12 19.65 22.17
C TRP A 23 7.94 19.59 23.45
N ASN A 24 8.09 18.38 23.97
CA ASN A 24 9.02 18.10 25.06
C ASN A 24 10.21 17.34 24.52
N PHE A 25 11.35 17.48 25.19
CA PHE A 25 12.43 16.52 24.97
C PHE A 25 12.38 15.44 26.03
N GLU A 26 12.60 14.19 25.62
CA GLU A 26 12.92 13.15 26.59
C GLU A 26 14.42 12.92 26.43
N LEU A 27 15.14 12.91 27.55
CA LEU A 27 16.61 13.00 27.48
C LEU A 27 17.30 11.95 28.33
N GLY A 28 18.48 11.57 27.88
CA GLY A 28 19.37 10.70 28.65
C GLY A 28 19.23 9.22 28.36
N ASP A 29 19.49 8.41 29.39
CA ASP A 29 19.55 6.97 29.23
C ASP A 29 18.26 6.23 29.57
N GLY A 30 17.26 6.95 30.05
CA GLY A 30 15.96 6.39 30.38
C GLY A 30 15.82 5.88 31.80
N CYS A 31 16.94 5.78 32.53
CA CYS A 31 16.91 5.30 33.91
C CYS A 31 15.90 6.06 34.77
N PRO A 32 15.18 5.35 35.66
CA PRO A 32 15.42 3.95 36.06
C PRO A 32 14.93 2.90 35.07
N ASN A 33 14.18 3.30 34.06
CA ASN A 33 13.92 2.43 32.93
C ASN A 33 15.08 2.50 31.94
N CYS A 34 16.26 2.07 32.39
CA CYS A 34 17.50 2.25 31.64
C CYS A 34 17.45 1.58 30.27
N GLY A 35 17.91 2.30 29.24
CA GLY A 35 17.87 1.80 27.89
C GLY A 35 16.49 1.91 27.25
N TRP A 36 15.64 2.74 27.87
CA TRP A 36 14.30 3.07 27.38
C TRP A 36 13.38 1.88 27.16
N GLY A 37 13.56 0.83 27.97
CA GLY A 37 12.62 -0.27 27.94
C GLY A 37 13.04 -1.37 26.99
N ASN A 38 14.06 -1.10 26.18
CA ASN A 38 14.54 -2.12 25.26
C ASN A 38 16.06 -2.18 25.20
N SER A 39 16.71 -1.85 26.31
CA SER A 39 18.16 -2.00 26.43
C SER A 39 18.94 -1.28 25.31
N GLU A 40 18.43 -0.11 24.92
CA GLU A 40 18.98 0.66 23.81
C GLU A 40 20.32 1.35 24.10
N ARG A 41 21.07 1.62 23.03
CA ARG A 41 22.41 2.21 23.18
C ARG A 41 22.44 3.74 23.36
N GLN A 42 21.49 4.46 22.80
CA GLN A 42 21.62 5.92 22.72
C GLN A 42 21.29 6.68 23.99
N LEU A 43 21.99 7.80 24.16
CA LEU A 43 21.52 8.86 25.04
C LEU A 43 20.77 9.84 24.17
N TYR A 44 19.59 10.24 24.63
CA TYR A 44 18.83 11.23 23.90
C TYR A 44 19.26 12.63 24.37
N THR A 45 19.37 13.55 23.41
CA THR A 45 19.90 14.88 23.69
C THR A 45 19.03 15.97 23.10
N LYS A 46 19.42 17.22 23.34
CA LYS A 46 18.78 18.37 22.69
C LYS A 46 19.68 18.91 21.58
N THR A 47 20.77 18.18 21.32
CA THR A 47 21.76 18.64 20.37
C THR A 47 21.95 17.69 19.18
N ASN A 48 20.99 16.79 18.95
CA ASN A 48 21.07 15.88 17.82
C ASN A 48 20.04 16.16 16.72
N HIS A 49 19.35 17.29 16.80
CA HIS A 49 18.37 17.61 15.77
C HIS A 49 18.59 19.01 15.22
N LYS A 50 18.03 19.26 14.05
CA LYS A 50 18.04 20.59 13.46
C LYS A 50 16.77 20.80 12.62
N MET A 51 16.41 22.06 12.43
CA MET A 51 15.33 22.42 11.53
C MET A 51 15.96 22.88 10.23
N GLU A 52 15.72 22.14 9.16
CA GLU A 52 16.39 22.39 7.88
C GLU A 52 15.44 22.19 6.70
N ASN A 53 15.25 23.24 5.90
CA ASN A 53 14.49 23.12 4.65
C ASN A 53 13.06 22.63 4.89
N GLY A 54 12.47 23.09 5.99
CA GLY A 54 11.10 22.74 6.35
C GLY A 54 10.94 21.34 6.92
N LYS A 55 12.06 20.71 7.30
CA LYS A 55 12.02 19.39 7.92
C LYS A 55 12.63 19.42 9.31
N LEU A 56 12.06 18.63 10.21
CA LEU A 56 12.79 18.22 11.41
C LEU A 56 13.78 17.13 11.01
N VAL A 57 15.07 17.35 11.24
CA VAL A 57 16.06 16.34 10.92
C VAL A 57 16.73 15.86 12.21
N ILE A 58 16.52 14.59 12.52
CA ILE A 58 17.15 13.96 13.68
C ILE A 58 18.34 13.17 13.19
N THR A 59 19.50 13.40 13.80
CA THR A 59 20.70 12.65 13.40
C THR A 59 21.19 11.72 14.51
N ALA A 60 21.33 10.45 14.16
CA ALA A 60 21.92 9.44 15.04
C ALA A 60 23.43 9.47 14.83
N LYS A 61 24.17 9.61 15.92
CA LYS A 61 25.62 9.75 15.86
C LYS A 61 26.32 8.76 16.77
N LYS A 62 27.55 8.42 16.40
CA LYS A 62 28.42 7.68 17.29
C LYS A 62 29.71 8.47 17.50
N GLU A 63 30.03 8.72 18.76
CA GLU A 63 31.22 9.49 19.14
C GLU A 63 31.93 8.69 20.22
N GLY A 64 33.08 8.10 19.87
CA GLY A 64 33.70 7.16 20.77
C GLY A 64 32.81 5.94 20.88
N THR A 65 32.47 5.55 22.11
CA THR A 65 31.47 4.51 22.30
C THR A 65 30.13 5.08 22.74
N GLN A 66 29.98 6.39 22.67
CA GLN A 66 28.71 7.03 22.99
C GLN A 66 27.84 7.22 21.74
N TYR A 67 26.61 6.73 21.82
CA TYR A 67 25.61 6.93 20.79
C TYR A 67 24.62 8.00 21.23
N THR A 68 24.21 8.87 20.31
CA THR A 68 23.24 9.92 20.64
C THR A 68 22.17 10.09 19.57
N SER A 69 21.01 10.56 19.99
CA SER A 69 19.90 10.76 19.08
C SER A 69 18.89 11.69 19.74
N THR A 70 17.68 11.74 19.18
CA THR A 70 16.62 12.64 19.65
C THR A 70 15.34 11.87 19.91
N ARG A 71 14.64 12.25 20.97
CA ARG A 71 13.31 11.74 21.27
C ARG A 71 12.45 12.89 21.80
N ILE A 72 11.38 13.21 21.08
CA ILE A 72 10.52 14.32 21.45
C ILE A 72 9.08 13.87 21.51
N THR A 73 8.29 14.50 22.38
CA THR A 73 6.87 14.16 22.52
C THR A 73 6.02 15.41 22.61
N THR A 74 4.72 15.26 22.41
CA THR A 74 3.81 16.38 22.65
C THR A 74 2.99 16.19 23.92
N GLN A 75 3.46 15.35 24.82
CA GLN A 75 2.74 15.05 26.06
C GLN A 75 2.34 16.32 26.82
N GLY A 76 1.05 16.42 27.15
CA GLY A 76 0.54 17.55 27.92
C GLY A 76 0.51 18.87 27.17
N LYS A 77 0.83 18.85 25.88
CA LYS A 77 0.91 20.06 25.07
C LYS A 77 0.07 20.03 23.80
N LYS A 78 0.13 18.92 23.06
CA LYS A 78 -0.75 18.73 21.91
C LYS A 78 -1.26 17.30 21.94
N GLU A 79 -2.52 17.14 22.34
CA GLU A 79 -3.12 15.82 22.48
C GLU A 79 -4.46 15.77 21.74
N PHE A 80 -4.75 14.62 21.16
CA PHE A 80 -5.95 14.45 20.34
C PHE A 80 -6.63 13.11 20.57
N GLN A 81 -7.96 13.11 20.49
CA GLN A 81 -8.74 11.88 20.57
C GLN A 81 -9.51 11.72 19.26
N TYR A 82 -9.12 10.67 18.51
CA TYR A 82 -9.62 10.30 17.19
C TYR A 82 -9.12 11.26 16.11
N GLY A 83 -9.19 10.80 14.87
CA GLY A 83 -8.86 11.63 13.74
C GLY A 83 -8.12 10.88 12.66
N TYR A 84 -7.89 11.57 11.55
CA TYR A 84 -6.98 11.07 10.54
C TYR A 84 -5.66 11.78 10.79
N ILE A 85 -4.63 11.01 11.13
CA ILE A 85 -3.37 11.57 11.55
C ILE A 85 -2.29 11.11 10.57
N GLU A 86 -1.57 12.04 9.97
CA GLU A 86 -0.63 11.71 8.88
C GLU A 86 0.72 12.36 9.06
N ALA A 87 1.79 11.59 8.86
CA ALA A 87 3.15 12.12 8.87
C ALA A 87 3.81 11.84 7.54
N ARG A 88 4.65 12.76 7.10
CA ARG A 88 5.44 12.58 5.89
C ARG A 88 6.89 12.53 6.32
N ALA A 89 7.60 11.46 5.99
CA ALA A 89 8.95 11.30 6.52
C ALA A 89 9.86 10.50 5.60
N LYS A 90 11.16 10.70 5.82
CA LYS A 90 12.22 9.99 5.08
C LYS A 90 13.07 9.22 6.09
N LEU A 91 13.35 7.95 5.80
CA LEU A 91 13.97 7.04 6.77
C LEU A 91 15.49 7.11 6.80
N PRO A 92 16.07 6.86 7.99
CA PRO A 92 17.49 6.52 8.08
C PRO A 92 17.66 5.09 7.60
N VAL A 93 18.87 4.66 7.28
CA VAL A 93 19.06 3.30 6.80
C VAL A 93 20.25 2.66 7.49
N GLY A 94 20.18 1.34 7.64
CA GLY A 94 21.32 0.59 8.14
C GLY A 94 21.01 -0.27 9.33
N LYS A 95 21.82 -1.32 9.52
CA LYS A 95 21.57 -2.26 10.59
C LYS A 95 21.76 -1.64 11.97
N GLY A 96 20.69 -1.68 12.78
CA GLY A 96 20.74 -1.18 14.15
C GLY A 96 19.89 0.06 14.37
N ILE A 97 19.52 0.76 13.30
CA ILE A 97 18.74 1.98 13.44
C ILE A 97 17.24 1.67 13.60
N TRP A 98 16.55 2.45 14.41
CA TRP A 98 15.11 2.26 14.64
C TRP A 98 14.37 3.59 14.82
N PRO A 99 14.00 4.20 13.68
CA PRO A 99 13.16 5.40 13.69
C PRO A 99 11.71 5.07 13.97
N ALA A 100 11.01 5.99 14.63
CA ALA A 100 9.61 5.76 14.94
C ALA A 100 8.82 7.06 15.04
N PHE A 101 7.56 7.00 14.60
CA PHE A 101 6.56 8.02 14.86
C PHE A 101 5.36 7.29 15.44
N TRP A 102 4.92 7.67 16.62
CA TRP A 102 3.97 6.87 17.36
C TRP A 102 3.23 7.68 18.39
N MET A 103 2.29 7.06 19.10
CA MET A 103 1.46 7.77 20.09
C MET A 103 1.28 6.99 21.37
N LEU A 104 1.13 7.72 22.49
CA LEU A 104 0.86 7.12 23.79
C LEU A 104 -0.35 7.73 24.45
N GLY A 105 -1.07 6.93 25.24
CA GLY A 105 -2.30 7.40 25.88
C GLY A 105 -2.05 8.49 26.90
N SER A 106 -2.94 9.48 26.93
CA SER A 106 -2.79 10.63 27.81
C SER A 106 -2.70 10.24 29.30
N ASN A 107 -3.36 9.15 29.67
CA ASN A 107 -3.40 8.74 31.07
C ASN A 107 -2.18 7.95 31.53
N ILE A 108 -1.10 7.95 30.75
CA ILE A 108 0.08 7.16 31.09
C ILE A 108 0.65 7.51 32.48
N LYS A 109 0.50 8.76 32.93
CA LYS A 109 1.10 9.08 34.22
C LYS A 109 0.27 8.57 35.39
N THR A 110 -0.97 8.16 35.15
CA THR A 110 -1.75 7.54 36.23
C THR A 110 -1.93 6.03 36.08
N VAL A 111 -1.95 5.50 34.85
CA VAL A 111 -2.15 4.06 34.70
C VAL A 111 -0.92 3.33 34.18
N GLY A 112 0.07 4.08 33.70
CA GLY A 112 1.28 3.49 33.18
C GLY A 112 1.12 2.82 31.81
N TRP A 113 2.24 2.38 31.26
CA TRP A 113 2.28 1.53 30.07
C TRP A 113 2.34 0.08 30.54
N PRO A 114 1.61 -0.83 29.88
CA PRO A 114 0.85 -0.66 28.64
C PRO A 114 -0.62 -0.33 28.79
N GLN A 115 -1.14 -0.13 30.00
CA GLN A 115 -2.57 0.12 30.16
C GLN A 115 -3.02 1.36 29.39
N CYS A 116 -2.13 2.34 29.31
CA CYS A 116 -2.44 3.60 28.64
C CYS A 116 -2.67 3.43 27.15
N GLY A 117 -2.12 2.36 26.58
CA GLY A 117 -2.20 2.16 25.14
C GLY A 117 -1.11 2.86 24.34
N GLU A 118 -0.79 2.28 23.18
CA GLU A 118 0.24 2.78 22.29
C GLU A 118 -0.18 2.53 20.86
N ILE A 119 0.07 3.50 19.98
CA ILE A 119 -0.19 3.37 18.54
C ILE A 119 1.11 3.57 17.78
N ASP A 120 1.56 2.54 17.06
CA ASP A 120 2.82 2.61 16.31
C ASP A 120 2.52 2.84 14.85
N ILE A 121 2.83 4.04 14.37
CA ILE A 121 2.38 4.48 13.05
C ILE A 121 3.48 4.37 11.99
N LEU A 122 4.66 4.95 12.28
CA LEU A 122 5.85 4.75 11.46
C LEU A 122 6.79 3.90 12.30
N GLU A 123 7.10 2.69 11.84
CA GLU A 123 8.06 1.84 12.52
C GLU A 123 8.91 1.13 11.49
N TYR A 124 10.22 1.29 11.60
CA TYR A 124 11.16 0.70 10.65
C TYR A 124 12.40 0.30 11.41
N VAL A 125 12.91 -0.89 11.14
CA VAL A 125 14.21 -1.24 11.70
C VAL A 125 15.14 -1.50 10.55
N GLY A 126 16.25 -0.78 10.53
CA GLY A 126 17.16 -0.84 9.40
C GLY A 126 17.76 -2.21 9.15
N LYS A 127 17.74 -3.08 10.16
CA LYS A 127 18.20 -4.45 10.00
C LYS A 127 17.28 -5.29 9.12
N GLU A 128 16.07 -4.78 8.87
CA GLU A 128 15.11 -5.43 7.98
C GLU A 128 14.65 -4.45 6.90
N PRO A 129 15.45 -4.28 5.85
CA PRO A 129 15.09 -3.31 4.81
C PRO A 129 13.78 -3.68 4.13
N HIS A 130 13.14 -2.67 3.54
CA HIS A 130 11.96 -2.88 2.70
C HIS A 130 10.75 -3.38 3.47
N MET A 131 10.73 -3.16 4.79
CA MET A 131 9.62 -3.55 5.63
C MET A 131 9.26 -2.41 6.57
N VAL A 132 7.96 -2.22 6.81
CA VAL A 132 7.51 -1.37 7.92
C VAL A 132 6.53 -2.13 8.79
N PHE A 133 6.34 -1.63 10.01
CA PHE A 133 5.47 -2.30 10.98
C PHE A 133 4.44 -1.31 11.47
N THR A 134 3.20 -1.77 11.66
CA THR A 134 2.13 -0.97 12.23
C THR A 134 1.52 -1.80 13.35
N SER A 135 1.42 -1.23 14.55
CA SER A 135 1.12 -2.01 15.74
C SER A 135 0.34 -1.25 16.80
N LEU A 136 -0.24 -2.02 17.70
CA LEU A 136 -0.87 -1.53 18.94
C LEU A 136 -0.24 -2.24 20.13
N HIS A 137 -0.08 -1.54 21.24
CA HIS A 137 0.29 -2.15 22.51
C HIS A 137 -0.75 -1.76 23.55
N THR A 138 -1.25 -2.75 24.26
CA THR A 138 -2.31 -2.57 25.26
C THR A 138 -2.07 -3.57 26.39
N THR A 139 -2.89 -3.52 27.44
CA THR A 139 -2.80 -4.57 28.46
C THR A 139 -3.05 -5.94 27.85
N ALA A 140 -4.01 -6.04 26.94
CA ALA A 140 -4.33 -7.31 26.30
C ALA A 140 -3.17 -7.89 25.47
N SER A 141 -2.41 -7.04 24.80
CA SER A 141 -1.24 -7.49 24.03
C SER A 141 -0.21 -6.38 23.92
N HIS A 142 0.99 -6.61 24.44
CA HIS A 142 2.04 -5.60 24.46
C HIS A 142 3.42 -6.22 24.39
N GLY A 143 4.40 -5.43 23.97
CA GLY A 143 5.77 -5.91 23.84
C GLY A 143 5.84 -6.69 22.55
N ASN A 144 5.80 -8.02 22.66
CA ASN A 144 5.68 -8.85 21.46
CA ASN A 144 5.67 -8.88 21.49
C ASN A 144 4.20 -8.96 21.11
N THR A 145 3.64 -7.82 20.73
CA THR A 145 2.21 -7.72 20.54
C THR A 145 1.74 -8.53 19.35
N ILE A 146 0.54 -9.10 19.47
CA ILE A 146 -0.01 -9.83 18.35
C ILE A 146 -0.78 -8.91 17.42
N ASN A 147 -1.06 -7.69 17.90
CA ASN A 147 -1.79 -6.71 17.08
C ASN A 147 -0.79 -5.86 16.31
N THR A 148 -0.29 -6.48 15.25
CA THR A 148 0.78 -5.92 14.46
C THR A 148 0.70 -6.46 13.05
N LYS A 149 1.25 -5.70 12.12
CA LYS A 149 1.33 -6.12 10.73
C LYS A 149 2.65 -5.69 10.14
N ARG A 150 3.33 -6.61 9.47
CA ARG A 150 4.54 -6.30 8.73
C ARG A 150 4.17 -6.13 7.26
N THR A 151 4.52 -4.98 6.70
CA THR A 151 4.18 -4.65 5.32
C THR A 151 5.44 -4.50 4.49
N ARG A 152 5.53 -5.26 3.42
CA ARG A 152 6.65 -5.16 2.50
C ARG A 152 6.49 -4.01 1.52
N ILE A 153 7.51 -3.16 1.45
CA ILE A 153 7.53 -2.02 0.56
C ILE A 153 8.97 -1.83 0.10
N ASP A 154 9.31 -2.29 -1.10
CA ASP A 154 10.73 -2.29 -1.49
C ASP A 154 11.31 -0.90 -1.73
N THR A 155 10.44 0.08 -1.89
CA THR A 155 10.85 1.45 -2.14
C THR A 155 10.86 2.32 -0.89
N ILE A 156 10.64 1.74 0.29
CA ILE A 156 10.39 2.60 1.46
C ILE A 156 11.60 3.47 1.85
N GLU A 157 12.80 3.00 1.55
CA GLU A 157 14.01 3.76 1.86
C GLU A 157 14.22 4.93 0.88
N GLN A 158 13.47 4.97 -0.22
CA GLN A 158 13.65 6.01 -1.24
C GLN A 158 12.72 7.18 -1.00
N GLY A 159 13.28 8.37 -0.77
CA GLY A 159 12.47 9.58 -0.67
C GLY A 159 11.57 9.62 0.54
N PHE A 160 10.55 10.47 0.46
CA PHE A 160 9.55 10.61 1.54
C PHE A 160 8.32 9.73 1.28
N HIS A 161 7.77 9.18 2.37
CA HIS A 161 6.53 8.43 2.29
C HIS A 161 5.57 8.93 3.35
N LEU A 162 4.29 8.54 3.20
CA LEU A 162 3.24 8.93 4.12
C LEU A 162 2.87 7.78 5.04
N TYR A 163 2.76 8.09 6.33
CA TYR A 163 2.38 7.13 7.34
C TYR A 163 1.20 7.69 8.09
N ALA A 164 0.08 6.97 8.15
CA ALA A 164 -1.11 7.55 8.73
C ALA A 164 -2.00 6.55 9.45
N ILE A 165 -2.88 7.08 10.30
CA ILE A 165 -3.95 6.27 10.89
C ILE A 165 -5.28 6.99 10.71
N ASP A 166 -6.35 6.21 10.59
CA ASP A 166 -7.69 6.74 10.76
C ASP A 166 -8.23 6.10 12.02
N TRP A 167 -8.43 6.93 13.02
CA TRP A 167 -8.71 6.48 14.38
C TRP A 167 -10.10 6.93 14.78
N THR A 168 -10.97 5.96 15.07
CA THR A 168 -12.31 6.26 15.56
C THR A 168 -12.61 5.47 16.82
N LYS A 169 -13.79 5.66 17.39
CA LYS A 169 -14.19 4.92 18.56
C LYS A 169 -14.34 3.43 18.29
N ASP A 170 -14.44 3.06 17.01
CA ASP A 170 -14.71 1.68 16.65
C ASP A 170 -13.53 0.93 16.04
N LYS A 171 -12.60 1.65 15.41
CA LYS A 171 -11.49 0.95 14.78
C LYS A 171 -10.28 1.84 14.54
N MET A 172 -9.15 1.17 14.29
CA MET A 172 -7.90 1.82 13.99
C MET A 172 -7.41 1.31 12.64
N ASP A 173 -7.41 2.19 11.63
CA ASP A 173 -6.90 1.85 10.29
C ASP A 173 -5.51 2.46 10.11
N PHE A 174 -4.59 1.70 9.52
CA PHE A 174 -3.24 2.19 9.27
C PHE A 174 -2.97 2.27 7.77
N PHE A 175 -2.38 3.37 7.32
CA PHE A 175 -2.11 3.61 5.90
C PHE A 175 -0.66 3.94 5.64
N VAL A 176 -0.10 3.36 4.58
CA VAL A 176 1.18 3.82 4.08
C VAL A 176 0.99 4.24 2.65
N ASP A 177 1.44 5.45 2.32
CA ASP A 177 1.23 6.04 1.00
C ASP A 177 -0.22 5.87 0.55
N ASN A 178 -1.13 6.11 1.50
CA ASN A 178 -2.57 6.12 1.28
C ASN A 178 -3.16 4.75 1.01
N ILE A 179 -2.35 3.70 1.20
CA ILE A 179 -2.86 2.32 1.09
C ILE A 179 -3.17 1.73 2.47
N LEU A 180 -4.40 1.26 2.67
CA LEU A 180 -4.76 0.65 3.94
C LEU A 180 -4.02 -0.67 4.11
N VAL A 181 -3.13 -0.73 5.12
CA VAL A 181 -2.29 -1.92 5.28
C VAL A 181 -2.67 -2.79 6.47
N TYR A 182 -3.43 -2.24 7.42
CA TYR A 182 -3.74 -2.95 8.66
C TYR A 182 -4.93 -2.30 9.35
N THR A 183 -5.82 -3.13 9.89
CA THR A 183 -6.97 -2.66 10.62
C THR A 183 -7.11 -3.41 11.95
N PHE A 184 -7.29 -2.67 13.04
CA PHE A 184 -7.58 -3.28 14.34
C PHE A 184 -8.97 -2.82 14.73
N ASN A 185 -9.87 -3.79 14.88
CA ASN A 185 -11.25 -3.51 15.22
C ASN A 185 -11.80 -4.64 16.06
N PRO A 186 -11.44 -4.66 17.34
CA PRO A 186 -11.95 -5.72 18.20
C PRO A 186 -13.43 -5.51 18.56
N THR A 187 -14.18 -6.59 18.67
CA THR A 187 -15.61 -6.50 18.95
C THR A 187 -15.80 -6.22 20.44
N ASP A 188 -14.84 -6.70 21.24
CA ASP A 188 -14.86 -6.54 22.69
C ASP A 188 -13.97 -5.39 23.15
N LYS A 189 -14.55 -4.21 23.36
CA LYS A 189 -13.72 -3.06 23.69
C LYS A 189 -13.65 -2.68 25.17
N THR A 190 -13.13 -3.60 25.98
CA THR A 190 -12.76 -3.27 27.34
C THR A 190 -11.56 -2.32 27.29
N GLU A 191 -11.23 -1.69 28.41
CA GLU A 191 -10.05 -0.83 28.46
C GLU A 191 -8.76 -1.63 28.20
N ALA A 192 -8.75 -2.90 28.63
CA ALA A 192 -7.58 -3.75 28.44
C ALA A 192 -7.31 -3.99 26.97
N ILE A 193 -8.37 -4.14 26.20
CA ILE A 193 -8.28 -4.38 24.76
C ILE A 193 -8.23 -3.07 23.98
N TRP A 194 -8.93 -2.07 24.49
CA TRP A 194 -9.14 -0.82 23.74
C TRP A 194 -9.03 0.39 24.65
N PRO A 195 -7.80 0.81 24.95
CA PRO A 195 -7.57 2.03 25.72
C PRO A 195 -7.62 3.27 24.82
N TYR A 196 -8.30 3.19 23.68
CA TYR A 196 -8.17 4.24 22.67
C TYR A 196 -9.33 5.24 22.62
N ASP A 197 -10.13 5.32 23.69
CA ASP A 197 -11.16 6.35 23.79
C ASP A 197 -10.73 7.42 24.79
N GLN A 198 -9.55 7.98 24.52
CA GLN A 198 -8.97 9.06 25.31
C GLN A 198 -8.02 9.82 24.39
N PRO A 199 -7.59 11.02 24.81
CA PRO A 199 -6.58 11.70 24.02
C PRO A 199 -5.25 10.95 24.06
N PHE A 200 -4.48 11.07 22.98
CA PHE A 200 -3.13 10.50 22.88
C PHE A 200 -2.16 11.62 22.51
N TYR A 201 -0.88 11.45 22.84
CA TYR A 201 0.15 12.39 22.40
C TYR A 201 1.15 11.74 21.46
N PHE A 202 1.91 12.57 20.74
CA PHE A 202 2.86 12.11 19.73
C PHE A 202 4.24 11.89 20.28
N ILE A 203 4.96 10.94 19.70
CA ILE A 203 6.39 10.76 19.96
C ILE A 203 7.10 10.61 18.63
N ILE A 204 8.21 11.31 18.45
CA ILE A 204 9.14 11.07 17.33
C ILE A 204 10.48 10.71 17.93
N ASN A 205 11.09 9.61 17.50
CA ASN A 205 12.41 9.30 18.04
C ASN A 205 13.21 8.44 17.08
N MET A 206 14.49 8.31 17.35
CA MET A 206 15.29 7.34 16.61
C MET A 206 16.21 6.62 17.59
N ALA A 207 15.91 5.36 17.83
CA ALA A 207 16.71 4.52 18.72
C ALA A 207 17.84 3.77 17.97
N ILE A 208 18.81 3.28 18.74
CA ILE A 208 19.94 2.56 18.21
C ILE A 208 20.13 1.25 18.96
N GLY A 209 20.09 0.14 18.24
CA GLY A 209 20.31 -1.17 18.86
C GLY A 209 19.21 -1.58 19.80
N GLY A 210 19.54 -2.41 20.79
CA GLY A 210 18.53 -2.83 21.74
C GLY A 210 17.73 -4.06 21.34
N ASN A 211 16.73 -4.37 22.16
CA ASN A 211 15.96 -5.59 22.05
C ASN A 211 15.14 -5.65 20.77
N PHE A 212 14.76 -4.50 20.23
CA PHE A 212 13.95 -4.51 19.02
C PHE A 212 14.73 -4.03 17.80
N GLY A 213 15.46 -2.93 17.94
CA GLY A 213 16.21 -2.40 16.82
C GLY A 213 17.49 -3.16 16.53
N GLY A 214 17.97 -3.89 17.54
CA GLY A 214 19.19 -4.64 17.37
C GLY A 214 19.01 -6.12 17.65
N PRO A 215 19.93 -6.70 18.42
CA PRO A 215 20.97 -5.97 19.18
C PRO A 215 22.19 -5.55 18.38
N GLU A 216 22.39 -6.14 17.20
CA GLU A 216 23.55 -5.80 16.37
C GLU A 216 23.43 -4.42 15.76
N VAL A 217 24.54 -3.67 15.82
CA VAL A 217 24.61 -2.35 15.22
C VAL A 217 25.84 -2.27 14.31
N ASP A 218 25.61 -1.90 13.07
CA ASP A 218 26.68 -1.63 12.11
C ASP A 218 27.18 -0.19 12.30
N ASP A 219 28.31 -0.05 12.98
CA ASP A 219 28.79 1.29 13.33
C ASP A 219 29.22 2.12 12.13
N ALA A 220 29.40 1.48 10.97
CA ALA A 220 29.78 2.22 9.77
C ALA A 220 28.65 3.10 9.25
N ILE A 221 27.42 2.85 9.70
CA ILE A 221 26.27 3.58 9.16
C ILE A 221 26.18 5.02 9.64
N PHE A 222 26.82 5.34 10.76
CA PHE A 222 26.65 6.65 11.38
C PHE A 222 27.51 7.71 10.70
N PRO A 223 26.98 8.93 10.59
CA PRO A 223 25.69 9.39 11.10
C PRO A 223 24.50 9.07 10.17
N GLN A 224 23.30 8.96 10.75
CA GLN A 224 22.10 8.70 9.96
C GLN A 224 21.02 9.71 10.27
N ASP A 225 20.34 10.17 9.21
CA ASP A 225 19.28 11.18 9.35
C ASP A 225 17.88 10.58 9.19
N PHE A 226 17.01 10.97 10.11
CA PHE A 226 15.57 10.69 10.09
C PHE A 226 14.89 12.03 9.91
N SER A 227 14.23 12.24 8.77
CA SER A 227 13.67 13.56 8.44
C SER A 227 12.16 13.53 8.44
N ILE A 228 11.54 14.47 9.16
CA ILE A 228 10.08 14.52 9.20
C ILE A 228 9.61 15.87 8.67
N ASP A 229 8.78 15.85 7.63
CA ASP A 229 8.25 17.07 6.99
C ASP A 229 7.10 17.68 7.78
N TYR A 230 6.16 16.83 8.20
CA TYR A 230 5.01 17.33 8.94
C TYR A 230 4.27 16.24 9.69
N ILE A 231 3.43 16.68 10.62
CA ILE A 231 2.36 15.89 11.21
C ILE A 231 1.09 16.69 10.99
N LYS A 232 0.07 16.07 10.39
CA LYS A 232 -1.24 16.72 10.20
C LYS A 232 -2.29 15.93 10.96
N VAL A 233 -3.21 16.64 11.61
CA VAL A 233 -4.32 15.98 12.31
C VAL A 233 -5.64 16.50 11.77
N TYR A 234 -6.45 15.59 11.26
CA TYR A 234 -7.78 15.93 10.77
C TYR A 234 -8.88 15.36 11.67
N GLN A 235 -9.93 16.13 11.93
CA GLN A 235 -11.07 15.63 12.69
C GLN A 235 -12.36 16.16 12.09
N LYS B 6 16.27 -9.21 -14.92
CA LYS B 6 16.41 -8.25 -16.02
C LYS B 6 15.06 -7.98 -16.64
N LEU B 7 14.94 -6.82 -17.29
CA LEU B 7 13.75 -6.50 -18.06
C LEU B 7 13.74 -7.34 -19.32
N VAL B 8 12.74 -8.20 -19.47
CA VAL B 8 12.73 -9.10 -20.62
C VAL B 8 11.81 -8.63 -21.75
N TRP B 9 10.80 -7.83 -21.42
CA TRP B 9 9.89 -7.29 -22.42
C TRP B 9 9.17 -6.10 -21.82
N GLU B 10 8.97 -5.09 -22.64
CA GLU B 10 8.18 -3.93 -22.24
C GLU B 10 7.32 -3.48 -23.39
N GLU B 11 6.06 -3.20 -23.08
CA GLU B 11 5.19 -2.46 -23.97
C GLU B 11 5.14 -1.01 -23.51
N HIS B 12 5.76 -0.13 -24.29
CA HIS B 12 5.87 1.30 -24.01
C HIS B 12 4.66 2.11 -24.52
N PHE B 13 3.88 1.50 -25.40
CA PHE B 13 2.79 2.19 -26.07
C PHE B 13 3.24 3.50 -26.71
N ASN B 14 4.40 3.47 -27.36
CA ASN B 14 4.96 4.69 -27.94
C ASN B 14 4.69 4.83 -29.43
N GLY B 15 4.11 3.79 -30.03
CA GLY B 15 3.79 3.82 -31.44
C GLY B 15 2.64 4.74 -31.81
N LYS B 16 2.41 4.91 -33.11
CA LYS B 16 1.24 5.64 -33.57
C LYS B 16 0.01 4.73 -33.53
N GLU B 17 0.28 3.44 -33.51
CA GLU B 17 -0.78 2.44 -33.47
C GLU B 17 -0.40 1.26 -32.58
N LEU B 18 -1.39 0.49 -32.16
CA LEU B 18 -1.14 -0.71 -31.39
C LEU B 18 -0.38 -1.74 -32.24
N ASP B 19 0.67 -2.34 -31.68
CA ASP B 19 1.46 -3.32 -32.42
C ASP B 19 0.77 -4.69 -32.45
N THR B 20 0.19 -5.03 -33.59
CA THR B 20 -0.58 -6.27 -33.70
C THR B 20 0.32 -7.50 -33.83
N LYS B 21 1.64 -7.30 -33.82
CA LYS B 21 2.54 -8.43 -33.72
C LYS B 21 2.54 -8.92 -32.27
N ASN B 22 2.16 -8.03 -31.35
CA ASN B 22 2.09 -8.38 -29.93
C ASN B 22 0.68 -8.43 -29.37
N TRP B 23 -0.27 -7.77 -30.03
CA TRP B 23 -1.64 -7.63 -29.50
C TRP B 23 -2.69 -8.14 -30.45
N ASN B 24 -3.73 -8.75 -29.87
CA ASN B 24 -4.96 -9.09 -30.58
C ASN B 24 -6.07 -8.16 -30.14
N PHE B 25 -7.03 -7.90 -31.01
CA PHE B 25 -8.27 -7.33 -30.53
C PHE B 25 -9.25 -8.44 -30.21
N GLU B 26 -9.97 -8.31 -29.11
CA GLU B 26 -11.16 -9.12 -28.93
C GLU B 26 -12.36 -8.20 -29.17
N LEU B 27 -13.32 -8.68 -29.98
CA LEU B 27 -14.32 -7.78 -30.54
C LEU B 27 -15.74 -8.29 -30.39
N GLY B 28 -16.67 -7.37 -30.30
CA GLY B 28 -18.09 -7.70 -30.34
C GLY B 28 -18.69 -8.00 -28.99
N ASP B 29 -19.65 -8.93 -28.97
CA ASP B 29 -20.39 -9.22 -27.75
C ASP B 29 -19.89 -10.44 -26.97
N GLY B 30 -18.81 -11.06 -27.45
CA GLY B 30 -18.19 -12.15 -26.72
C GLY B 30 -18.60 -13.58 -27.02
N CYS B 31 -19.64 -13.75 -27.82
CA CYS B 31 -20.11 -15.09 -28.19
C CYS B 31 -18.99 -15.99 -28.72
N PRO B 32 -19.03 -17.28 -28.34
CA PRO B 32 -20.15 -17.92 -27.64
C PRO B 32 -20.23 -17.62 -26.12
N ASN B 33 -19.22 -16.95 -25.57
CA ASN B 33 -19.33 -16.38 -24.22
C ASN B 33 -20.09 -15.06 -24.28
N CYS B 34 -21.36 -15.12 -24.68
CA CYS B 34 -22.13 -13.92 -24.98
C CYS B 34 -22.30 -12.97 -23.79
N GLY B 35 -22.14 -11.67 -24.04
CA GLY B 35 -22.25 -10.66 -23.01
C GLY B 35 -20.99 -10.70 -22.16
N TRP B 36 -19.97 -11.33 -22.72
CA TRP B 36 -18.67 -11.54 -22.08
C TRP B 36 -18.85 -12.21 -20.72
N GLY B 37 -19.87 -13.08 -20.67
CA GLY B 37 -20.11 -13.96 -19.56
C GLY B 37 -20.99 -13.39 -18.46
N ASN B 38 -21.22 -12.07 -18.47
CA ASN B 38 -22.10 -11.52 -17.45
C ASN B 38 -22.95 -10.33 -17.88
N SER B 39 -23.57 -10.43 -19.05
CA SER B 39 -24.51 -9.41 -19.50
C SER B 39 -23.88 -8.02 -19.61
N GLU B 40 -22.62 -7.97 -20.03
CA GLU B 40 -21.97 -6.67 -20.16
C GLU B 40 -22.63 -5.96 -21.33
N ARG B 41 -22.66 -4.63 -21.27
CA ARG B 41 -23.35 -3.84 -22.27
C ARG B 41 -22.56 -3.54 -23.54
N GLN B 42 -21.24 -3.46 -23.44
CA GLN B 42 -20.43 -2.96 -24.55
C GLN B 42 -20.18 -3.98 -25.65
N LEU B 43 -20.06 -3.44 -26.87
CA LEU B 43 -19.37 -4.12 -27.94
C LEU B 43 -17.94 -3.60 -27.93
N TYR B 44 -16.98 -4.51 -28.03
CA TYR B 44 -15.59 -4.12 -28.12
C TYR B 44 -15.28 -3.85 -29.59
N THR B 45 -14.49 -2.81 -29.84
CA THR B 45 -14.24 -2.35 -31.21
C THR B 45 -12.76 -2.12 -31.46
N LYS B 46 -12.43 -1.70 -32.68
CA LYS B 46 -11.07 -1.26 -33.00
C LYS B 46 -10.98 0.27 -33.07
N THR B 47 -12.06 0.94 -32.70
CA THR B 47 -12.12 2.39 -32.83
C THR B 47 -12.36 3.12 -31.52
N ASN B 48 -12.13 2.43 -30.40
CA ASN B 48 -12.30 3.06 -29.10
C ASN B 48 -10.99 3.30 -28.39
N HIS B 49 -9.86 3.10 -29.08
CA HIS B 49 -8.59 3.35 -28.43
C HIS B 49 -7.76 4.29 -29.28
N LYS B 50 -6.78 4.93 -28.64
CA LYS B 50 -5.80 5.76 -29.34
C LYS B 50 -4.48 5.73 -28.61
N MET B 51 -3.41 5.98 -29.36
CA MET B 51 -2.09 6.14 -28.76
C MET B 51 -1.82 7.62 -28.63
N GLU B 52 -1.73 8.10 -27.40
CA GLU B 52 -1.61 9.53 -27.15
C GLU B 52 -0.61 9.86 -26.03
N ASN B 53 0.45 10.58 -26.39
CA ASN B 53 1.44 11.07 -25.44
C ASN B 53 2.10 9.90 -24.70
N GLY B 54 2.35 8.83 -25.44
CA GLY B 54 3.02 7.66 -24.90
C GLY B 54 2.13 6.77 -24.04
N LYS B 55 0.82 6.98 -24.11
CA LYS B 55 -0.14 6.14 -23.37
C LYS B 55 -1.08 5.45 -24.35
N LEU B 56 -1.46 4.22 -24.04
CA LEU B 56 -2.66 3.64 -24.64
C LEU B 56 -3.87 4.24 -23.91
N VAL B 57 -4.76 4.88 -24.66
CA VAL B 57 -5.96 5.46 -24.07
C VAL B 57 -7.19 4.74 -24.62
N ILE B 58 -7.89 4.03 -23.75
CA ILE B 58 -9.13 3.34 -24.11
C ILE B 58 -10.29 4.20 -23.64
N THR B 59 -11.23 4.47 -24.55
CA THR B 59 -12.35 5.31 -24.19
C THR B 59 -13.66 4.55 -24.22
N ALA B 60 -14.38 4.60 -23.11
CA ALA B 60 -15.71 4.01 -23.03
C ALA B 60 -16.71 5.06 -23.51
N LYS B 61 -17.54 4.68 -24.48
CA LYS B 61 -18.49 5.59 -25.11
C LYS B 61 -19.89 5.05 -25.10
N LYS B 62 -20.86 5.96 -25.10
CA LYS B 62 -22.24 5.60 -25.36
C LYS B 62 -22.73 6.45 -26.52
N GLU B 63 -23.19 5.77 -27.57
CA GLU B 63 -23.67 6.43 -28.78
C GLU B 63 -25.03 5.81 -29.12
N GLY B 64 -26.08 6.60 -28.97
CA GLY B 64 -27.42 6.04 -29.03
C GLY B 64 -27.60 5.16 -27.80
N THR B 65 -28.04 3.93 -27.99
CA THR B 65 -28.03 3.00 -26.87
C THR B 65 -26.90 1.98 -27.01
N GLN B 66 -25.99 2.23 -27.95
CA GLN B 66 -24.83 1.34 -28.11
C GLN B 66 -23.63 1.82 -27.30
N TYR B 67 -23.13 0.91 -26.47
CA TYR B 67 -21.92 1.14 -25.68
C TYR B 67 -20.74 0.48 -26.34
N THR B 68 -19.61 1.17 -26.35
CA THR B 68 -18.39 0.64 -26.95
C THR B 68 -17.15 0.87 -26.09
N SER B 69 -16.19 -0.01 -26.27
CA SER B 69 -14.94 0.05 -25.54
C SER B 69 -13.88 -0.80 -26.25
N THR B 70 -12.77 -1.08 -25.57
CA THR B 70 -11.65 -1.83 -26.14
C THR B 70 -11.29 -3.00 -25.24
N ARG B 71 -10.95 -4.13 -25.86
CA ARG B 71 -10.40 -5.31 -25.18
C ARG B 71 -9.32 -5.89 -26.05
N ILE B 72 -8.08 -5.92 -25.53
CA ILE B 72 -6.93 -6.43 -26.27
C ILE B 72 -6.18 -7.47 -25.45
N THR B 73 -5.56 -8.43 -26.13
CA THR B 73 -4.79 -9.47 -25.45
C THR B 73 -3.46 -9.71 -26.15
N THR B 74 -2.55 -10.39 -25.45
CA THR B 74 -1.32 -10.81 -26.09
C THR B 74 -1.31 -12.32 -26.35
N GLN B 75 -2.49 -12.95 -26.33
CA GLN B 75 -2.60 -14.39 -26.53
C GLN B 75 -1.88 -14.87 -27.80
N GLY B 76 -1.01 -15.86 -27.63
CA GLY B 76 -0.25 -16.47 -28.72
C GLY B 76 0.82 -15.56 -29.30
N LYS B 77 1.05 -14.42 -28.67
CA LYS B 77 2.01 -13.43 -29.20
C LYS B 77 3.08 -13.00 -28.20
N LYS B 78 2.64 -12.68 -26.99
CA LYS B 78 3.59 -12.38 -25.91
C LYS B 78 3.11 -13.06 -24.63
N GLU B 79 3.76 -14.17 -24.28
CA GLU B 79 3.37 -14.95 -23.12
C GLU B 79 4.57 -15.19 -22.22
N PHE B 80 4.34 -15.20 -20.92
CA PHE B 80 5.41 -15.31 -19.93
C PHE B 80 5.03 -16.27 -18.81
N GLN B 81 6.02 -17.01 -18.31
CA GLN B 81 5.84 -17.88 -17.16
C GLN B 81 6.76 -17.38 -16.04
N TYR B 82 6.15 -16.87 -14.98
CA TYR B 82 6.80 -16.25 -13.81
C TYR B 82 7.40 -14.90 -14.17
N GLY B 83 7.65 -14.09 -13.13
CA GLY B 83 8.32 -12.82 -13.29
C GLY B 83 7.72 -11.75 -12.41
N TYR B 84 8.35 -10.58 -12.41
CA TYR B 84 7.78 -9.39 -11.80
C TYR B 84 7.16 -8.59 -12.91
N ILE B 85 5.84 -8.43 -12.85
CA ILE B 85 5.08 -7.84 -13.95
C ILE B 85 4.40 -6.60 -13.43
N GLU B 86 4.64 -5.45 -14.08
CA GLU B 86 4.16 -4.17 -13.58
C GLU B 86 3.50 -3.32 -14.66
N ALA B 87 2.35 -2.76 -14.35
CA ALA B 87 1.68 -1.83 -15.25
C ALA B 87 1.52 -0.49 -14.56
N ARG B 88 1.61 0.59 -15.33
CA ARG B 88 1.36 1.94 -14.82
C ARG B 88 0.10 2.45 -15.53
N ALA B 89 -0.92 2.85 -14.77
CA ALA B 89 -2.20 3.17 -15.40
C ALA B 89 -2.98 4.22 -14.63
N LYS B 90 -3.86 4.90 -15.35
CA LYS B 90 -4.76 5.92 -14.77
C LYS B 90 -6.20 5.46 -14.99
N LEU B 91 -7.03 5.53 -13.95
CA LEU B 91 -8.37 4.94 -14.00
C LEU B 91 -9.44 5.83 -14.64
N PRO B 92 -10.41 5.19 -15.29
CA PRO B 92 -11.68 5.86 -15.59
C PRO B 92 -12.49 5.96 -14.30
N VAL B 93 -13.53 6.79 -14.27
CA VAL B 93 -14.30 6.93 -13.02
C VAL B 93 -15.79 6.90 -13.30
N GLY B 94 -16.55 6.39 -12.34
CA GLY B 94 -17.99 6.46 -12.44
C GLY B 94 -18.73 5.14 -12.34
N LYS B 95 -20.01 5.22 -11.96
CA LYS B 95 -20.82 4.02 -11.74
C LYS B 95 -21.06 3.25 -13.03
N GLY B 96 -20.63 2.00 -13.06
CA GLY B 96 -20.88 1.14 -14.21
C GLY B 96 -19.60 0.77 -14.95
N ILE B 97 -18.53 1.52 -14.71
CA ILE B 97 -17.27 1.30 -15.41
C ILE B 97 -16.43 0.20 -14.73
N TRP B 98 -15.74 -0.62 -15.53
CA TRP B 98 -14.89 -1.70 -15.00
C TRP B 98 -13.63 -1.92 -15.85
N PRO B 99 -12.59 -1.13 -15.56
CA PRO B 99 -11.27 -1.33 -16.18
C PRO B 99 -10.53 -2.49 -15.55
N ALA B 100 -9.73 -3.19 -16.36
CA ALA B 100 -8.95 -4.33 -15.86
C ALA B 100 -7.65 -4.54 -16.63
N PHE B 101 -6.63 -4.96 -15.91
CA PHE B 101 -5.38 -5.47 -16.48
C PHE B 101 -5.16 -6.81 -15.80
N TRP B 102 -5.04 -7.87 -16.58
CA TRP B 102 -5.10 -9.20 -16.01
C TRP B 102 -4.50 -10.21 -16.95
N MET B 103 -4.47 -11.46 -16.51
CA MET B 103 -3.84 -12.54 -17.27
C MET B 103 -4.64 -13.84 -17.27
N LEU B 104 -4.53 -14.59 -18.36
CA LEU B 104 -5.15 -15.89 -18.51
C LEU B 104 -4.13 -16.96 -18.92
N GLY B 105 -4.33 -18.20 -18.49
CA GLY B 105 -3.41 -19.29 -18.76
C GLY B 105 -3.33 -19.63 -20.24
N SER B 106 -2.13 -19.92 -20.73
CA SER B 106 -1.91 -20.18 -22.14
C SER B 106 -2.76 -21.33 -22.69
N ASN B 107 -3.04 -22.32 -21.86
CA ASN B 107 -3.79 -23.51 -22.29
C ASN B 107 -5.31 -23.32 -22.32
N ILE B 108 -5.77 -22.07 -22.28
CA ILE B 108 -7.21 -21.82 -22.24
C ILE B 108 -7.97 -22.44 -23.44
N LYS B 109 -7.36 -22.53 -24.61
CA LYS B 109 -8.12 -23.10 -25.72
C LYS B 109 -8.18 -24.63 -25.69
N THR B 110 -7.37 -25.27 -24.85
CA THR B 110 -7.52 -26.71 -24.68
C THR B 110 -8.19 -27.14 -23.37
N VAL B 111 -8.09 -26.34 -22.31
CA VAL B 111 -8.69 -26.72 -21.03
C VAL B 111 -9.83 -25.81 -20.58
N GLY B 112 -9.95 -24.65 -21.22
CA GLY B 112 -11.00 -23.70 -20.90
C GLY B 112 -10.78 -22.95 -19.60
N TRP B 113 -11.65 -21.96 -19.35
CA TRP B 113 -11.72 -21.26 -18.07
C TRP B 113 -12.77 -21.98 -17.21
N PRO B 114 -12.52 -22.15 -15.91
CA PRO B 114 -11.40 -21.60 -15.13
C PRO B 114 -10.18 -22.51 -15.00
N GLN B 115 -10.17 -23.66 -15.65
CA GLN B 115 -9.05 -24.58 -15.44
C GLN B 115 -7.71 -23.95 -15.80
N CYS B 116 -7.72 -23.09 -16.83
CA CYS B 116 -6.51 -22.43 -17.32
C CYS B 116 -5.90 -21.47 -16.30
N GLY B 117 -6.72 -21.00 -15.37
CA GLY B 117 -6.25 -20.02 -14.40
C GLY B 117 -6.34 -18.59 -14.88
N GLU B 118 -6.52 -17.68 -13.93
CA GLU B 118 -6.67 -16.26 -14.19
C GLU B 118 -5.97 -15.49 -13.07
N ILE B 119 -5.27 -14.42 -13.42
CA ILE B 119 -4.60 -13.52 -12.47
C ILE B 119 -5.14 -12.12 -12.68
N ASP B 120 -5.80 -11.55 -11.67
CA ASP B 120 -6.39 -10.21 -11.77
C ASP B 120 -5.50 -9.21 -11.06
N ILE B 121 -4.84 -8.33 -11.83
CA ILE B 121 -3.77 -7.48 -11.30
C ILE B 121 -4.25 -6.05 -11.03
N LEU B 122 -4.85 -5.41 -12.04
CA LEU B 122 -5.55 -4.14 -11.87
C LEU B 122 -7.04 -4.43 -12.02
N GLU B 123 -7.79 -4.20 -10.96
CA GLU B 123 -9.24 -4.38 -11.02
C GLU B 123 -9.92 -3.28 -10.22
N TYR B 124 -10.81 -2.56 -10.87
CA TYR B 124 -11.50 -1.43 -10.26
C TYR B 124 -12.91 -1.38 -10.78
N VAL B 125 -13.89 -1.20 -9.90
CA VAL B 125 -15.24 -0.95 -10.40
C VAL B 125 -15.64 0.43 -9.93
N GLY B 126 -16.01 1.28 -10.88
CA GLY B 126 -16.32 2.66 -10.58
C GLY B 126 -17.49 2.85 -9.62
N LYS B 127 -18.35 1.83 -9.49
CA LYS B 127 -19.44 1.90 -8.52
C LYS B 127 -18.94 1.80 -7.06
N GLU B 128 -17.68 1.40 -6.89
CA GLU B 128 -17.03 1.34 -5.57
C GLU B 128 -15.72 2.13 -5.59
N PRO B 129 -15.83 3.46 -5.48
CA PRO B 129 -14.62 4.30 -5.50
C PRO B 129 -13.65 3.94 -4.37
N HIS B 130 -12.37 4.27 -4.58
CA HIS B 130 -11.34 4.18 -3.54
C HIS B 130 -11.02 2.74 -3.13
N MET B 131 -11.35 1.80 -3.99
CA MET B 131 -11.09 0.39 -3.75
C MET B 131 -10.52 -0.26 -5.00
N VAL B 132 -9.55 -1.15 -4.83
CA VAL B 132 -9.11 -2.03 -5.92
C VAL B 132 -9.14 -3.47 -5.44
N PHE B 133 -9.12 -4.41 -6.38
CA PHE B 133 -9.21 -5.83 -6.07
C PHE B 133 -8.06 -6.58 -6.74
N THR B 134 -7.51 -7.59 -6.07
CA THR B 134 -6.51 -8.47 -6.65
C THR B 134 -6.97 -9.90 -6.40
N SER B 135 -7.00 -10.74 -7.44
CA SER B 135 -7.66 -12.04 -7.34
C SER B 135 -7.06 -13.10 -8.23
N LEU B 136 -7.38 -14.35 -7.89
CA LEU B 136 -7.08 -15.51 -8.72
C LEU B 136 -8.38 -16.26 -8.96
N HIS B 137 -8.53 -16.78 -10.17
CA HIS B 137 -9.61 -17.71 -10.47
C HIS B 137 -9.01 -18.99 -11.02
N THR B 138 -9.46 -20.10 -10.45
CA THR B 138 -8.95 -21.43 -10.78
C THR B 138 -10.12 -22.40 -10.72
N THR B 139 -9.87 -23.66 -11.07
CA THR B 139 -10.92 -24.67 -10.91
C THR B 139 -11.35 -24.79 -9.44
N ALA B 140 -10.39 -24.74 -8.54
CA ALA B 140 -10.67 -24.85 -7.10
C ALA B 140 -11.50 -23.68 -6.56
N SER B 141 -11.26 -22.47 -7.07
CA SER B 141 -12.05 -21.32 -6.62
C SER B 141 -12.15 -20.27 -7.73
N HIS B 142 -13.38 -20.03 -8.17
CA HIS B 142 -13.63 -19.13 -9.29
C HIS B 142 -15.00 -18.52 -9.16
N GLY B 143 -15.22 -17.41 -9.88
CA GLY B 143 -16.49 -16.71 -9.83
C GLY B 143 -16.46 -15.88 -8.56
N ASN B 144 -17.16 -16.36 -7.54
CA ASN B 144 -17.05 -15.78 -6.22
C ASN B 144 -15.81 -16.38 -5.54
N THR B 145 -14.64 -16.07 -6.09
CA THR B 145 -13.41 -16.70 -5.64
C THR B 145 -13.04 -16.30 -4.20
N ILE B 146 -12.47 -17.24 -3.46
CA ILE B 146 -12.04 -16.92 -2.10
C ILE B 146 -10.62 -16.34 -2.13
N ASN B 147 -9.94 -16.51 -3.27
CA ASN B 147 -8.58 -16.00 -3.37
C ASN B 147 -8.58 -14.61 -3.95
N THR B 148 -8.92 -13.67 -3.08
CA THR B 148 -9.11 -12.30 -3.48
C THR B 148 -8.88 -11.39 -2.28
N LYS B 149 -8.51 -10.15 -2.58
CA LYS B 149 -8.30 -9.13 -1.54
C LYS B 149 -8.80 -7.80 -2.06
N ARG B 150 -9.57 -7.12 -1.23
CA ARG B 150 -10.01 -5.75 -1.47
C ARG B 150 -9.08 -4.81 -0.72
N THR B 151 -8.51 -3.86 -1.45
CA THR B 151 -7.59 -2.89 -0.85
C THR B 151 -8.15 -1.48 -0.97
N ARG B 152 -8.26 -0.80 0.16
CA ARG B 152 -8.70 0.59 0.18
C ARG B 152 -7.55 1.54 -0.11
N ILE B 153 -7.80 2.44 -1.07
CA ILE B 153 -6.82 3.43 -1.49
C ILE B 153 -7.59 4.68 -1.90
N ASP B 154 -7.67 5.67 -1.04
CA ASP B 154 -8.56 6.81 -1.31
C ASP B 154 -8.09 7.69 -2.45
N THR B 155 -6.82 7.56 -2.82
CA THR B 155 -6.22 8.35 -3.88
C THR B 155 -6.16 7.65 -5.23
N ILE B 156 -6.78 6.47 -5.36
CA ILE B 156 -6.51 5.63 -6.53
C ILE B 156 -7.03 6.29 -7.83
N GLU B 157 -8.07 7.11 -7.73
CA GLU B 157 -8.62 7.82 -8.89
C GLU B 157 -7.73 8.99 -9.33
N GLN B 158 -6.76 9.36 -8.51
CA GLN B 158 -5.89 10.49 -8.80
C GLN B 158 -4.61 10.04 -9.50
N GLY B 159 -4.40 10.53 -10.72
CA GLY B 159 -3.16 10.29 -11.44
C GLY B 159 -2.92 8.83 -11.80
N PHE B 160 -1.64 8.52 -12.04
CA PHE B 160 -1.21 7.17 -12.37
C PHE B 160 -0.75 6.40 -11.15
N HIS B 161 -1.05 5.11 -11.12
CA HIS B 161 -0.57 4.21 -10.07
C HIS B 161 0.06 2.97 -10.68
N LEU B 162 0.80 2.23 -9.86
CA LEU B 162 1.47 1.00 -10.28
C LEU B 162 0.71 -0.20 -9.76
N TYR B 163 0.48 -1.18 -10.64
CA TYR B 163 -0.16 -2.43 -10.29
C TYR B 163 0.72 -3.56 -10.74
N ALA B 164 1.09 -4.45 -9.82
CA ALA B 164 2.12 -5.44 -10.13
C ALA B 164 1.92 -6.79 -9.44
N ILE B 165 2.58 -7.81 -9.99
CA ILE B 165 2.66 -9.11 -9.34
C ILE B 165 4.10 -9.56 -9.35
N ASP B 166 4.47 -10.32 -8.32
CA ASP B 166 5.68 -11.12 -8.35
C ASP B 166 5.23 -12.56 -8.31
N TRP B 167 5.49 -13.25 -9.40
CA TRP B 167 4.96 -14.57 -9.66
C TRP B 167 6.11 -15.57 -9.76
N THR B 168 6.08 -16.57 -8.88
CA THR B 168 7.08 -17.63 -8.91
C THR B 168 6.35 -18.97 -8.88
N LYS B 169 7.10 -20.07 -8.93
CA LYS B 169 6.51 -21.40 -8.84
C LYS B 169 5.86 -21.64 -7.48
N ASP B 170 6.20 -20.80 -6.51
CA ASP B 170 5.75 -21.03 -5.14
C ASP B 170 4.70 -20.07 -4.66
N LYS B 171 4.67 -18.87 -5.22
CA LYS B 171 3.72 -17.90 -4.72
C LYS B 171 3.39 -16.80 -5.72
N MET B 172 2.26 -16.15 -5.45
CA MET B 172 1.80 -15.00 -6.20
C MET B 172 1.65 -13.82 -5.25
N ASP B 173 2.51 -12.82 -5.38
CA ASP B 173 2.45 -11.58 -4.59
C ASP B 173 1.83 -10.46 -5.43
N PHE B 174 0.96 -9.66 -4.84
CA PHE B 174 0.37 -8.53 -5.55
C PHE B 174 0.77 -7.20 -4.91
N PHE B 175 1.14 -6.21 -5.72
CA PHE B 175 1.59 -4.89 -5.23
C PHE B 175 0.82 -3.76 -5.88
N VAL B 176 0.45 -2.77 -5.08
CA VAL B 176 -0.07 -1.52 -5.62
C VAL B 176 0.84 -0.41 -5.12
N ASP B 177 1.32 0.44 -6.03
CA ASP B 177 2.31 1.47 -5.72
C ASP B 177 3.46 0.94 -4.83
N ASN B 178 3.93 -0.26 -5.19
CA ASN B 178 5.07 -0.92 -4.55
C ASN B 178 4.79 -1.45 -3.14
N ILE B 179 3.54 -1.40 -2.70
CA ILE B 179 3.15 -1.98 -1.43
C ILE B 179 2.53 -3.36 -1.61
N LEU B 180 3.08 -4.37 -0.94
CA LEU B 180 2.53 -5.72 -1.00
C LEU B 180 1.17 -5.78 -0.33
N VAL B 181 0.12 -6.03 -1.13
CA VAL B 181 -1.25 -6.01 -0.60
C VAL B 181 -1.91 -7.37 -0.47
N TYR B 182 -1.38 -8.39 -1.14
CA TYR B 182 -2.02 -9.71 -1.13
C TYR B 182 -1.03 -10.79 -1.58
N THR B 183 -1.07 -11.94 -0.92
CA THR B 183 -0.22 -13.07 -1.27
C THR B 183 -1.03 -14.34 -1.33
N PHE B 184 -0.85 -15.09 -2.41
CA PHE B 184 -1.45 -16.40 -2.57
C PHE B 184 -0.33 -17.42 -2.67
N ASN B 185 -0.29 -18.33 -1.70
CA ASN B 185 0.75 -19.34 -1.62
C ASN B 185 0.13 -20.61 -1.04
N PRO B 186 -0.62 -21.35 -1.86
CA PRO B 186 -1.23 -22.58 -1.36
C PRO B 186 -0.21 -23.70 -1.16
N THR B 187 -0.43 -24.52 -0.14
CA THR B 187 0.52 -25.57 0.19
C THR B 187 0.35 -26.79 -0.72
N ASP B 188 -0.89 -27.03 -1.15
CA ASP B 188 -1.20 -28.15 -2.03
C ASP B 188 -1.38 -27.66 -3.46
N LYS B 189 -0.32 -27.71 -4.26
CA LYS B 189 -0.39 -27.10 -5.58
C LYS B 189 -0.79 -28.11 -6.68
N THR B 190 -2.02 -28.61 -6.56
CA THR B 190 -2.64 -29.35 -7.64
C THR B 190 -2.93 -28.40 -8.81
N GLU B 191 -3.24 -28.93 -9.99
CA GLU B 191 -3.57 -28.06 -11.11
C GLU B 191 -4.87 -27.29 -10.84
N ALA B 192 -5.80 -27.89 -10.09
CA ALA B 192 -7.04 -27.18 -9.78
C ALA B 192 -6.78 -25.97 -8.90
N ILE B 193 -5.84 -26.11 -7.96
CA ILE B 193 -5.53 -25.03 -7.02
C ILE B 193 -4.47 -24.08 -7.60
N TRP B 194 -3.58 -24.63 -8.42
CA TRP B 194 -2.43 -23.88 -8.91
C TRP B 194 -2.15 -24.17 -10.38
N PRO B 195 -2.91 -23.55 -11.29
CA PRO B 195 -2.66 -23.65 -12.73
C PRO B 195 -1.57 -22.69 -13.19
N TYR B 196 -0.69 -22.26 -12.29
CA TYR B 196 0.20 -21.14 -12.58
C TYR B 196 1.64 -21.54 -12.90
N ASP B 197 1.86 -22.81 -13.25
CA ASP B 197 3.17 -23.24 -13.75
C ASP B 197 3.10 -23.45 -15.26
N GLN B 198 2.69 -22.40 -15.96
CA GLN B 198 2.61 -22.38 -17.42
C GLN B 198 2.70 -20.92 -17.86
N PRO B 199 2.94 -20.66 -19.16
CA PRO B 199 2.87 -19.26 -19.59
C PRO B 199 1.46 -18.70 -19.48
N PHE B 200 1.37 -17.40 -19.24
CA PHE B 200 0.12 -16.68 -19.24
C PHE B 200 0.20 -15.51 -20.22
N TYR B 201 -0.94 -15.05 -20.73
CA TYR B 201 -0.95 -13.87 -21.58
C TYR B 201 -1.72 -12.72 -20.94
N PHE B 202 -1.52 -11.52 -21.47
CA PHE B 202 -2.12 -10.30 -20.93
C PHE B 202 -3.46 -9.95 -21.57
N ILE B 203 -4.34 -9.34 -20.78
CA ILE B 203 -5.58 -8.72 -21.27
C ILE B 203 -5.67 -7.32 -20.66
N ILE B 204 -5.98 -6.33 -21.50
CA ILE B 204 -6.38 -5.02 -21.03
C ILE B 204 -7.78 -4.75 -21.57
N ASN B 205 -8.70 -4.34 -20.72
CA ASN B 205 -10.03 -4.00 -21.22
C ASN B 205 -10.75 -3.05 -20.32
N MET B 206 -11.85 -2.49 -20.82
CA MET B 206 -12.73 -1.73 -19.97
C MET B 206 -14.17 -2.11 -20.27
N ALA B 207 -14.80 -2.81 -19.34
CA ALA B 207 -16.18 -3.22 -19.52
C ALA B 207 -17.15 -2.15 -19.01
N ILE B 208 -18.38 -2.22 -19.50
CA ILE B 208 -19.43 -1.27 -19.15
C ILE B 208 -20.64 -2.06 -18.68
N GLY B 209 -21.03 -1.83 -17.45
CA GLY B 209 -22.17 -2.52 -16.90
C GLY B 209 -21.92 -4.01 -16.73
N GLY B 210 -23.00 -4.76 -16.80
CA GLY B 210 -22.92 -6.18 -16.57
C GLY B 210 -23.04 -6.45 -15.09
N ASN B 211 -23.04 -7.72 -14.75
CA ASN B 211 -23.36 -8.13 -13.39
C ASN B 211 -22.27 -7.89 -12.35
N PHE B 212 -21.04 -7.66 -12.79
CA PHE B 212 -19.98 -7.41 -11.83
C PHE B 212 -19.67 -5.91 -11.74
N GLY B 213 -19.51 -5.27 -12.90
CA GLY B 213 -19.24 -3.84 -12.91
C GLY B 213 -20.49 -3.03 -12.68
N GLY B 214 -21.63 -3.66 -12.93
CA GLY B 214 -22.92 -3.01 -12.76
C GLY B 214 -23.81 -3.81 -11.83
N PRO B 215 -25.06 -4.07 -12.24
CA PRO B 215 -25.58 -3.84 -13.59
C PRO B 215 -25.99 -2.39 -13.86
N GLU B 216 -26.13 -1.59 -12.81
CA GLU B 216 -26.50 -0.19 -12.99
C GLU B 216 -25.36 0.62 -13.59
N VAL B 217 -25.69 1.45 -14.58
CA VAL B 217 -24.72 2.31 -15.25
C VAL B 217 -25.21 3.75 -15.26
N ASP B 218 -24.38 4.66 -14.77
CA ASP B 218 -24.66 6.10 -14.83
C ASP B 218 -24.23 6.67 -16.19
N ASP B 219 -25.20 6.86 -17.09
CA ASP B 219 -24.86 7.24 -18.46
C ASP B 219 -24.27 8.65 -18.58
N ALA B 220 -24.35 9.44 -17.53
CA ALA B 220 -23.76 10.77 -17.57
C ALA B 220 -22.23 10.74 -17.53
N ILE B 221 -21.64 9.61 -17.16
CA ILE B 221 -20.19 9.57 -17.02
C ILE B 221 -19.45 9.53 -18.36
N PHE B 222 -20.12 9.11 -19.42
CA PHE B 222 -19.44 8.86 -20.69
C PHE B 222 -19.19 10.16 -21.43
N PRO B 223 -18.03 10.27 -22.09
CA PRO B 223 -17.00 9.23 -22.24
C PRO B 223 -16.02 9.16 -21.06
N GLN B 224 -15.44 7.98 -20.84
CA GLN B 224 -14.45 7.78 -19.79
C GLN B 224 -13.21 7.15 -20.38
N ASP B 225 -12.05 7.65 -19.95
CA ASP B 225 -10.74 7.18 -20.42
C ASP B 225 -10.02 6.31 -19.39
N PHE B 226 -9.49 5.18 -19.86
CA PHE B 226 -8.61 4.28 -19.11
C PHE B 226 -7.26 4.37 -19.82
N SER B 227 -6.24 4.90 -19.14
CA SER B 227 -4.96 5.16 -19.80
C SER B 227 -3.88 4.23 -19.25
N ILE B 228 -3.13 3.59 -20.13
CA ILE B 228 -2.07 2.69 -19.68
C ILE B 228 -0.75 3.17 -20.26
N ASP B 229 0.20 3.49 -19.38
CA ASP B 229 1.52 3.97 -19.79
C ASP B 229 2.41 2.83 -20.29
N TYR B 230 2.46 1.75 -19.54
CA TYR B 230 3.29 0.62 -19.93
C TYR B 230 2.92 -0.69 -19.26
N ILE B 231 3.47 -1.78 -19.80
CA ILE B 231 3.57 -3.05 -19.10
C ILE B 231 5.03 -3.44 -19.15
N LYS B 232 5.62 -3.76 -18.00
CA LYS B 232 7.00 -4.23 -17.94
C LYS B 232 7.05 -5.65 -17.39
N VAL B 233 7.89 -6.51 -17.98
CA VAL B 233 8.07 -7.85 -17.44
C VAL B 233 9.53 -8.06 -17.11
N TYR B 234 9.80 -8.39 -15.85
CA TYR B 234 11.14 -8.71 -15.38
C TYR B 234 11.27 -10.20 -15.02
N GLN B 235 12.39 -10.82 -15.38
CA GLN B 235 12.68 -12.21 -14.98
C GLN B 235 14.14 -12.34 -14.59
#